data_3Q2E
#
_entry.id   3Q2E
#
_cell.length_a   51.660
_cell.length_b   51.660
_cell.length_c   151.360
_cell.angle_alpha   90.000
_cell.angle_beta   90.000
_cell.angle_gamma   120.000
#
_symmetry.space_group_name_H-M   'P 61 2 2'
#
loop_
_entity.id
_entity.type
_entity.pdbx_description
1 polymer 'Bromodomain and WD repeat-containing protein 1'
2 non-polymer 'ACETATE ION'
3 water water
#
_entity_poly.entity_id   1
_entity_poly.type   'polypeptide(L)'
_entity_poly.pdbx_seq_one_letter_code
;SMATNYVESNWKKQCKELVNLIFQCEDSEPFRQPVDLVEYPDYRDIIDTPMDFGTVRETLDAGNYDSPLEFCKDIRLIFS
NAKAYTPNKRSKIYSMTLRLSALFEEKMKKISSDFKIGQKFNE
;
_entity_poly.pdbx_strand_id   A
#
loop_
_chem_comp.id
_chem_comp.type
_chem_comp.name
_chem_comp.formula
ACT non-polymer 'ACETATE ION' 'C2 H3 O2 -1'
#
# COMPACT_ATOMS: atom_id res chain seq x y z
N ASN A 10 7.80 -3.34 -19.51
CA ASN A 10 8.45 -3.79 -18.25
C ASN A 10 7.60 -3.40 -17.05
N TRP A 11 6.69 -4.31 -16.69
CA TRP A 11 5.81 -4.09 -15.55
C TRP A 11 6.57 -3.90 -14.23
N LYS A 12 7.73 -4.54 -14.12
CA LYS A 12 8.49 -4.47 -12.87
C LYS A 12 9.02 -3.04 -12.67
N LYS A 13 9.50 -2.40 -13.74
CA LYS A 13 10.00 -1.02 -13.64
C LYS A 13 8.85 -0.03 -13.47
N GLN A 14 7.73 -0.31 -14.13
CA GLN A 14 6.52 0.49 -13.89
C GLN A 14 6.05 0.42 -12.42
N CYS A 15 6.07 -0.76 -11.81
CA CYS A 15 5.59 -0.91 -10.45
C CYS A 15 6.58 -0.24 -9.48
N LYS A 16 7.86 -0.35 -9.81
CA LYS A 16 8.91 0.35 -9.05
C LYS A 16 8.73 1.85 -9.11
N GLU A 17 8.43 2.39 -10.30
CA GLU A 17 8.18 3.82 -10.43
C GLU A 17 6.96 4.26 -9.60
N LEU A 18 5.95 3.41 -9.58
CA LEU A 18 4.71 3.75 -8.85
C LEU A 18 4.98 3.73 -7.34
N VAL A 19 5.74 2.76 -6.86
CA VAL A 19 6.10 2.72 -5.43
C VAL A 19 6.92 3.95 -5.03
N ASN A 20 7.86 4.35 -5.89
CA ASN A 20 8.63 5.56 -5.65
C ASN A 20 7.75 6.79 -5.65
N LEU A 21 6.77 6.86 -6.56
CA LEU A 21 5.81 7.94 -6.59
C LEU A 21 5.04 8.00 -5.27
N ILE A 22 4.61 6.85 -4.79
CA ILE A 22 3.81 6.78 -3.57
C ILE A 22 4.59 7.29 -2.36
N PHE A 23 5.90 6.96 -2.30
CA PHE A 23 6.75 7.42 -1.20
C PHE A 23 6.91 8.94 -1.20
N GLN A 24 6.69 9.59 -2.35
CA GLN A 24 6.71 11.03 -2.45
C GLN A 24 5.39 11.72 -2.15
N CYS A 25 4.33 10.94 -1.96
CA CYS A 25 3.00 11.45 -1.67
C CYS A 25 2.86 11.66 -0.18
N GLU A 26 2.35 12.83 0.19
CA GLU A 26 2.15 13.15 1.58
CA GLU A 26 2.02 13.21 1.57
C GLU A 26 1.30 12.11 2.34
N ASP A 27 0.26 11.60 1.69
CA ASP A 27 -0.66 10.64 2.26
C ASP A 27 -0.03 9.27 2.59
N SER A 28 1.15 8.95 2.05
CA SER A 28 1.75 7.65 2.35
C SER A 28 2.48 7.56 3.68
N GLU A 29 2.73 8.70 4.31
CA GLU A 29 3.59 8.72 5.50
C GLU A 29 3.27 7.64 6.56
N PRO A 30 1.98 7.41 6.90
CA PRO A 30 1.75 6.36 7.92
C PRO A 30 1.94 4.91 7.45
N PHE A 31 2.16 4.71 6.16
CA PHE A 31 2.19 3.38 5.52
C PHE A 31 3.58 3.03 4.97
N ARG A 32 4.61 3.79 5.34
CA ARG A 32 5.95 3.58 4.76
C ARG A 32 6.78 2.48 5.42
N GLN A 33 6.37 2.11 6.61
CA GLN A 33 7.01 1.16 7.49
CA GLN A 33 7.00 1.03 7.35
C GLN A 33 5.91 0.29 8.13
N PRO A 34 6.26 -0.90 8.65
CA PRO A 34 5.23 -1.67 9.36
C PRO A 34 4.62 -0.96 10.55
N VAL A 35 3.33 -1.25 10.81
CA VAL A 35 2.66 -0.74 11.99
C VAL A 35 3.36 -1.23 13.25
N ASP A 36 3.57 -0.33 14.22
CA ASP A 36 4.32 -0.75 15.39
C ASP A 36 3.40 -1.26 16.50
N LEU A 37 3.73 -2.45 17.00
CA LEU A 37 2.89 -3.16 17.96
C LEU A 37 3.04 -2.62 19.39
N VAL A 38 4.06 -1.80 19.65
CA VAL A 38 4.09 -1.09 20.93
C VAL A 38 3.09 0.07 20.90
N GLU A 39 3.07 0.77 19.78
CA GLU A 39 2.13 1.86 19.59
C GLU A 39 0.70 1.38 19.48
N TYR A 40 0.47 0.23 18.83
CA TYR A 40 -0.87 -0.32 18.60
C TYR A 40 -0.93 -1.79 19.00
N PRO A 41 -1.01 -2.07 20.31
CA PRO A 41 -0.85 -3.44 20.79
C PRO A 41 -1.94 -4.40 20.36
N ASP A 42 -3.13 -3.89 20.01
CA ASP A 42 -4.19 -4.75 19.52
C ASP A 42 -4.21 -4.91 18.01
N TYR A 43 -3.22 -4.39 17.31
CA TYR A 43 -3.28 -4.35 15.84
C TYR A 43 -3.53 -5.74 15.26
N ARG A 44 -2.83 -6.76 15.75
CA ARG A 44 -2.90 -8.07 15.15
C ARG A 44 -4.13 -8.88 15.61
N ASP A 45 -4.88 -8.36 16.57
CA ASP A 45 -6.24 -8.90 16.86
C ASP A 45 -7.25 -8.48 15.76
N ILE A 46 -6.90 -7.44 14.99
CA ILE A 46 -7.76 -6.93 13.91
C ILE A 46 -7.27 -7.25 12.52
N ILE A 47 -5.93 -7.23 12.33
CA ILE A 47 -5.28 -7.38 11.07
C ILE A 47 -4.49 -8.68 11.03
N ASP A 48 -4.86 -9.52 10.08
CA ASP A 48 -4.22 -10.85 9.90
C ASP A 48 -2.90 -10.77 9.17
N THR A 49 -2.82 -9.91 8.14
CA THR A 49 -1.69 -9.84 7.20
C THR A 49 -1.25 -8.40 7.04
N PRO A 50 -0.32 -7.98 7.90
CA PRO A 50 0.19 -6.62 7.82
C PRO A 50 0.92 -6.39 6.50
N MET A 51 0.86 -5.14 6.04
CA MET A 51 1.57 -4.75 4.82
C MET A 51 1.89 -3.26 4.89
N ASP A 52 2.97 -2.86 4.21
CA ASP A 52 3.40 -1.46 4.13
C ASP A 52 4.25 -1.26 2.83
N PHE A 53 4.43 -0.02 2.43
CA PHE A 53 5.09 0.25 1.14
C PHE A 53 6.57 -0.14 1.12
N GLY A 54 7.21 -0.13 2.29
CA GLY A 54 8.63 -0.52 2.40
C GLY A 54 8.77 -1.99 2.09
N THR A 55 7.85 -2.79 2.65
CA THR A 55 7.78 -4.22 2.38
C THR A 55 7.46 -4.52 0.94
N VAL A 56 6.52 -3.77 0.36
CA VAL A 56 6.22 -3.94 -1.05
C VAL A 56 7.43 -3.62 -1.92
N ARG A 57 8.07 -2.48 -1.68
CA ARG A 57 9.34 -2.15 -2.36
C ARG A 57 10.39 -3.28 -2.28
N GLU A 58 10.60 -3.79 -1.09
CA GLU A 58 11.57 -4.85 -0.84
C GLU A 58 11.22 -6.10 -1.60
N THR A 59 9.93 -6.43 -1.66
CA THR A 59 9.47 -7.67 -2.31
C THR A 59 9.69 -7.56 -3.81
N LEU A 60 9.35 -6.39 -4.36
CA LEU A 60 9.56 -6.08 -5.77
C LEU A 60 11.06 -6.13 -6.13
N ASP A 61 11.89 -5.48 -5.34
CA ASP A 61 13.35 -5.48 -5.59
C ASP A 61 13.96 -6.87 -5.49
N ALA A 62 13.44 -7.71 -4.60
CA ALA A 62 13.90 -9.10 -4.52
C ALA A 62 13.40 -9.99 -5.68
N GLY A 63 12.55 -9.45 -6.55
CA GLY A 63 11.93 -10.20 -7.63
C GLY A 63 10.93 -11.22 -7.14
N ASN A 64 10.24 -10.94 -6.04
CA ASN A 64 9.33 -11.91 -5.41
C ASN A 64 7.84 -11.69 -5.68
N TYR A 65 7.52 -10.80 -6.61
CA TYR A 65 6.18 -10.70 -7.19
C TYR A 65 6.21 -11.37 -8.55
N ASP A 66 5.31 -12.32 -8.74
CA ASP A 66 5.26 -13.09 -9.99
C ASP A 66 4.54 -12.30 -11.07
N SER A 67 3.76 -11.28 -10.69
CA SER A 67 2.99 -10.47 -11.66
C SER A 67 2.59 -9.15 -11.03
N PRO A 68 2.18 -8.17 -11.86
CA PRO A 68 1.63 -6.94 -11.29
C PRO A 68 0.36 -7.16 -10.47
N LEU A 69 -0.44 -8.20 -10.75
CA LEU A 69 -1.65 -8.45 -9.92
C LEU A 69 -1.28 -8.75 -8.45
N GLU A 70 -0.18 -9.48 -8.23
CA GLU A 70 0.29 -9.77 -6.87
C GLU A 70 0.80 -8.51 -6.14
N PHE A 71 1.53 -7.68 -6.88
CA PHE A 71 1.97 -6.37 -6.39
C PHE A 71 0.75 -5.54 -5.94
N CYS A 72 -0.25 -5.45 -6.82
CA CYS A 72 -1.46 -4.70 -6.57
C CYS A 72 -2.23 -5.22 -5.36
N LYS A 73 -2.36 -6.55 -5.24
CA LYS A 73 -3.04 -7.17 -4.11
C LYS A 73 -2.41 -6.73 -2.79
N ASP A 74 -1.06 -6.72 -2.75
CA ASP A 74 -0.36 -6.27 -1.51
C ASP A 74 -0.61 -4.78 -1.23
N ILE A 75 -0.59 -3.93 -2.25
CA ILE A 75 -0.91 -2.52 -2.04
C ILE A 75 -2.34 -2.33 -1.62
N ARG A 76 -3.27 -3.06 -2.24
CA ARG A 76 -4.66 -2.97 -1.79
C ARG A 76 -4.81 -3.39 -0.32
N LEU A 77 -3.98 -4.34 0.11
CA LEU A 77 -3.98 -4.81 1.49
C LEU A 77 -3.58 -3.69 2.50
N ILE A 78 -2.62 -2.86 2.12
CA ILE A 78 -2.27 -1.69 2.92
C ILE A 78 -3.51 -0.88 3.22
N PHE A 79 -4.30 -0.59 2.18
CA PHE A 79 -5.43 0.28 2.34
C PHE A 79 -6.58 -0.39 3.09
N SER A 80 -6.84 -1.65 2.77
CA SER A 80 -7.93 -2.36 3.45
C SER A 80 -7.65 -2.54 4.92
N ASN A 81 -6.38 -2.82 5.24
CA ASN A 81 -5.93 -2.90 6.63
C ASN A 81 -6.15 -1.58 7.35
N ALA A 82 -5.81 -0.47 6.71
CA ALA A 82 -5.86 0.88 7.34
C ALA A 82 -7.33 1.16 7.66
N LYS A 83 -8.19 0.86 6.69
CA LYS A 83 -9.63 1.11 6.88
C LYS A 83 -10.23 0.16 7.91
N ALA A 84 -9.72 -1.06 8.03
CA ALA A 84 -10.23 -1.99 9.02
C ALA A 84 -9.84 -1.57 10.46
N TYR A 85 -8.61 -1.06 10.62
CA TYR A 85 -8.12 -0.80 11.97
C TYR A 85 -8.62 0.52 12.44
N THR A 86 -8.79 1.44 11.52
CA THR A 86 -9.31 2.78 11.89
C THR A 86 -10.55 3.10 10.99
N PRO A 87 -11.70 2.51 11.33
CA PRO A 87 -12.84 2.56 10.44
C PRO A 87 -13.67 3.85 10.51
N ASN A 88 -13.40 4.68 11.50
CA ASN A 88 -14.13 5.93 11.66
C ASN A 88 -13.78 6.86 10.52
N LYS A 89 -14.81 7.08 9.69
CA LYS A 89 -14.69 7.83 8.46
C LYS A 89 -14.40 9.32 8.74
N ARG A 90 -14.49 9.75 9.99
CA ARG A 90 -14.11 11.12 10.43
C ARG A 90 -12.62 11.30 10.60
N SER A 91 -11.88 10.19 10.69
CA SER A 91 -10.47 10.22 11.02
C SER A 91 -9.58 10.70 9.87
N LYS A 92 -8.44 11.29 10.24
CA LYS A 92 -7.48 11.79 9.26
C LYS A 92 -6.95 10.64 8.42
N ILE A 93 -6.66 9.52 9.08
CA ILE A 93 -6.07 8.37 8.39
C ILE A 93 -7.04 7.82 7.34
N TYR A 94 -8.33 7.84 7.66
CA TYR A 94 -9.31 7.33 6.74
C TYR A 94 -9.30 8.19 5.46
N SER A 95 -9.23 9.50 5.62
CA SER A 95 -9.26 10.36 4.43
C SER A 95 -7.99 10.27 3.65
N MET A 96 -6.87 10.13 4.34
CA MET A 96 -5.57 9.93 3.67
C MET A 96 -5.57 8.60 2.88
N THR A 97 -6.18 7.55 3.46
CA THR A 97 -6.30 6.26 2.76
C THR A 97 -7.17 6.38 1.50
N LEU A 98 -8.32 7.03 1.60
CA LEU A 98 -9.17 7.22 0.40
C LEU A 98 -8.40 7.96 -0.70
N ARG A 99 -7.71 9.06 -0.35
CA ARG A 99 -7.07 9.84 -1.38
C ARG A 99 -5.90 9.09 -2.05
N LEU A 100 -5.06 8.45 -1.25
CA LEU A 100 -3.94 7.68 -1.78
C LEU A 100 -4.41 6.46 -2.54
N SER A 101 -5.47 5.79 -2.05
CA SER A 101 -6.04 4.67 -2.77
C SER A 101 -6.49 5.07 -4.16
N ALA A 102 -7.14 6.23 -4.27
CA ALA A 102 -7.66 6.71 -5.54
C ALA A 102 -6.52 6.96 -6.54
N LEU A 103 -5.43 7.56 -6.06
CA LEU A 103 -4.29 7.85 -6.91
C LEU A 103 -3.64 6.54 -7.37
N PHE A 104 -3.44 5.63 -6.42
CA PHE A 104 -2.85 4.34 -6.74
C PHE A 104 -3.70 3.62 -7.83
N GLU A 105 -5.03 3.59 -7.64
CA GLU A 105 -5.86 2.82 -8.57
C GLU A 105 -5.81 3.45 -9.97
N GLU A 106 -5.78 4.79 -10.04
CA GLU A 106 -5.64 5.49 -11.30
C GLU A 106 -4.38 5.05 -12.04
N LYS A 107 -3.28 4.97 -11.33
CA LYS A 107 -1.98 4.64 -11.91
C LYS A 107 -1.86 3.17 -12.24
N MET A 108 -2.40 2.33 -11.36
CA MET A 108 -2.29 0.88 -11.54
C MET A 108 -3.05 0.43 -12.80
N LYS A 109 -4.14 1.13 -13.12
CA LYS A 109 -4.94 0.83 -14.32
C LYS A 109 -4.07 0.67 -15.58
N LYS A 110 -3.19 1.63 -15.81
CA LYS A 110 -2.34 1.63 -17.01
C LYS A 110 -1.37 0.46 -16.98
N ILE A 111 -0.80 0.19 -15.80
CA ILE A 111 0.14 -0.93 -15.64
C ILE A 111 -0.56 -2.26 -15.97
N SER A 112 -1.77 -2.41 -15.46
CA SER A 112 -2.54 -3.63 -15.60
C SER A 112 -2.98 -3.89 -17.06
N SER A 113 -3.21 -2.80 -17.79
CA SER A 113 -3.59 -2.85 -19.22
C SER A 113 -2.39 -3.26 -20.06
N ASP A 114 -1.30 -2.52 -19.91
CA ASP A 114 -0.03 -2.83 -20.60
C ASP A 114 0.38 -4.29 -20.40
N PHE A 115 0.02 -4.86 -19.25
CA PHE A 115 0.24 -6.29 -19.00
C PHE A 115 -0.72 -7.21 -19.78
N LYS A 116 -2.00 -6.86 -19.83
CA LYS A 116 -3.03 -7.68 -20.52
C LYS A 116 -3.36 -7.14 -21.91
C ACT B . -2.37 2.46 10.91
O ACT B . -3.23 1.82 10.28
OXT ACT B . -1.55 3.11 10.19
CH3 ACT B . -2.35 2.46 12.43
#